data_7BCN
#
_entry.id   7BCN
#
_cell.length_a   58.110
_cell.length_b   62.349
_cell.length_c   97.645
_cell.angle_alpha   90.000
_cell.angle_beta   90.000
_cell.angle_gamma   90.000
#
_symmetry.space_group_name_H-M   'P 21 21 21'
#
loop_
_entity.id
_entity.type
_entity.pdbx_description
1 polymer 'Putative TRAP transporter solute receptor DctP'
2 non-polymer 'D-xylonic acid'
3 water water
#
_entity_poly.entity_id   1
_entity_poly.type   'polypeptide(L)'
_entity_poly.pdbx_seq_one_letter_code
;MKRLKKTVASLTAVALLGMGSAAVWAKDIKPRIIRFGYGLADDSPTGKASAHFAEVVSKLSDGKMKVKTFGNGALGPDEQ
LINSLISGSGEITFVSTAPIASLIPEFGVFDLPFLFDNEKVADTVLDGPEGKKLLDKLPAKGLIGLNYWENGFRNITNSR
HEISKLDDIGGIKLRVMQNQVALSVFKGLGANAIPMPFTELFTALETKTVDGQENPLSTIQTSKFYEVQPYLTLSNHVYT
PFVFLASKKWFDQLSQDEKDVITQAAADSQAFQRKASRQGNEDALKYLKEHNVKVAEFSTEEREKIREKVAPIVESLKAK
IGKETVEGVLDAAKKASGA
;
_entity_poly.pdbx_strand_id   A
#
loop_
_chem_comp.id
_chem_comp.type
_chem_comp.name
_chem_comp.formula
TK8 non-polymer 'D-xylonic acid' 'C5 H10 O6'
#
# COMPACT_ATOMS: atom_id res chain seq x y z
N ASP A 28 30.85 11.16 11.06
CA ASP A 28 30.21 12.45 11.05
C ASP A 28 28.69 12.28 11.25
N ILE A 29 28.28 11.84 12.44
CA ILE A 29 26.86 11.68 12.79
C ILE A 29 26.61 12.50 14.04
N LYS A 30 25.68 13.43 13.96
CA LYS A 30 25.32 14.28 15.09
C LYS A 30 23.96 13.84 15.64
N PRO A 31 23.67 14.07 16.92
CA PRO A 31 22.39 13.63 17.47
C PRO A 31 21.23 14.25 16.71
N ARG A 32 20.24 13.40 16.41
CA ARG A 32 19.12 13.77 15.57
C ARG A 32 17.92 12.95 16.03
N ILE A 33 16.74 13.58 16.03
CA ILE A 33 15.46 12.92 16.30
C ILE A 33 14.64 13.00 15.01
N ILE A 34 14.05 11.88 14.64
CA ILE A 34 13.46 11.64 13.33
C ILE A 34 12.06 11.09 13.55
N ARG A 35 11.05 11.77 13.02
CA ARG A 35 9.66 11.37 13.21
C ARG A 35 9.19 10.58 12.00
N PHE A 36 8.47 9.50 12.30
CA PHE A 36 8.08 8.45 11.32
C PHE A 36 6.63 8.13 11.66
N GLY A 37 5.72 8.89 11.05
CA GLY A 37 4.30 8.59 11.17
C GLY A 37 3.82 7.64 10.09
N TYR A 38 2.70 6.95 10.36
CA TYR A 38 2.13 6.05 9.36
C TYR A 38 0.69 5.73 9.73
N GLY A 39 -0.03 5.14 8.76
CA GLY A 39 -1.47 4.96 8.87
C GLY A 39 -1.95 3.65 9.47
N LEU A 40 -1.20 2.58 9.23
CA LEU A 40 -1.58 1.26 9.70
C LEU A 40 -1.41 1.15 11.22
N ALA A 41 -2.00 0.11 11.79
CA ALA A 41 -1.83 -0.18 13.21
C ALA A 41 -0.37 -0.45 13.55
N ASP A 42 0.01 -0.08 14.78
CA ASP A 42 1.40 -0.26 15.16
C ASP A 42 1.79 -1.73 15.25
N ASP A 43 0.83 -2.65 15.38
CA ASP A 43 1.18 -4.07 15.42
C ASP A 43 0.93 -4.76 14.08
N SER A 44 0.65 -4.00 13.03
CA SER A 44 0.68 -4.55 11.70
C SER A 44 2.12 -4.93 11.36
N PRO A 45 2.31 -5.80 10.36
CA PRO A 45 3.68 -6.13 9.98
C PRO A 45 4.48 -4.90 9.62
N THR A 46 3.90 -3.97 8.89
CA THR A 46 4.67 -2.79 8.50
C THR A 46 4.88 -1.86 9.70
N GLY A 47 3.94 -1.83 10.65
CA GLY A 47 4.21 -1.10 11.88
C GLY A 47 5.40 -1.68 12.63
N LYS A 48 5.48 -3.01 12.71
CA LYS A 48 6.62 -3.63 13.35
C LYS A 48 7.91 -3.40 12.57
N ALA A 49 7.82 -3.34 11.24
CA ALA A 49 9.00 -3.02 10.43
C ALA A 49 9.45 -1.58 10.63
N SER A 50 8.51 -0.68 10.96
CA SER A 50 8.90 0.70 11.24
C SER A 50 9.70 0.77 12.53
N ALA A 51 9.28 0.00 13.54
CA ALA A 51 10.07 -0.09 14.77
C ALA A 51 11.41 -0.74 14.52
N HIS A 52 11.46 -1.73 13.61
CA HIS A 52 12.72 -2.33 13.21
C HIS A 52 13.65 -1.29 12.60
N PHE A 53 13.13 -0.48 11.67
CA PHE A 53 13.89 0.60 11.07
C PHE A 53 14.48 1.52 12.15
N ALA A 54 13.64 1.92 13.10
CA ALA A 54 14.12 2.74 14.19
C ALA A 54 15.31 2.09 14.90
N GLU A 55 15.17 0.80 15.22
CA GLU A 55 16.21 0.05 15.93
C GLU A 55 17.50 0.01 15.13
N VAL A 56 17.40 -0.21 13.81
CA VAL A 56 18.61 -0.30 12.99
C VAL A 56 19.28 1.06 12.87
N VAL A 57 18.49 2.12 12.69
CA VAL A 57 19.05 3.47 12.66
C VAL A 57 19.80 3.76 13.95
N SER A 58 19.21 3.40 15.09
CA SER A 58 19.90 3.63 16.34
C SER A 58 21.19 2.82 16.40
N LYS A 59 21.14 1.57 15.97
CA LYS A 59 22.34 0.74 16.02
C LYS A 59 23.44 1.34 15.17
N LEU A 60 23.11 1.66 13.93
CA LEU A 60 24.13 2.09 12.99
C LEU A 60 24.70 3.43 13.36
N SER A 61 23.97 4.25 14.12
CA SER A 61 24.41 5.59 14.49
C SER A 61 24.93 5.69 15.92
N ASP A 62 25.22 4.55 16.56
CA ASP A 62 25.63 4.48 17.97
C ASP A 62 24.65 5.25 18.85
N GLY A 63 23.37 5.10 18.56
CA GLY A 63 22.36 5.72 19.39
C GLY A 63 22.19 7.21 19.17
N LYS A 64 22.90 7.81 18.22
CA LYS A 64 22.77 9.25 18.03
C LYS A 64 21.56 9.63 17.20
N MET A 65 21.16 8.80 16.24
CA MET A 65 19.97 9.06 15.42
C MET A 65 18.82 8.21 15.95
N LYS A 66 17.78 8.88 16.45
CA LYS A 66 16.68 8.25 17.15
C LYS A 66 15.41 8.48 16.35
N VAL A 67 14.78 7.41 15.94
CA VAL A 67 13.55 7.46 15.15
C VAL A 67 12.39 7.27 16.12
N LYS A 68 11.41 8.17 16.05
CA LYS A 68 10.19 8.09 16.83
C LYS A 68 9.05 7.75 15.89
N THR A 69 8.40 6.61 16.12
CA THR A 69 7.34 6.15 15.26
C THR A 69 5.99 6.58 15.83
N PHE A 70 5.10 7.02 14.95
CA PHE A 70 3.74 7.38 15.32
C PHE A 70 2.78 6.61 14.40
N GLY A 71 2.29 5.47 14.86
CA GLY A 71 1.41 4.64 14.07
C GLY A 71 -0.06 4.99 14.25
N ASN A 72 -0.90 4.15 13.66
CA ASN A 72 -2.35 4.24 13.82
C ASN A 72 -2.91 5.59 13.37
N GLY A 73 -2.26 6.21 12.37
CA GLY A 73 -2.72 7.46 11.83
C GLY A 73 -2.57 8.63 12.79
N ALA A 74 -1.70 8.51 13.79
CA ALA A 74 -1.57 9.59 14.77
C ALA A 74 -1.10 10.88 14.14
N LEU A 75 -0.35 10.81 13.04
CA LEU A 75 0.09 12.02 12.34
C LEU A 75 -0.66 12.20 11.02
N GLY A 76 -1.83 11.60 10.90
CA GLY A 76 -2.68 11.77 9.75
C GLY A 76 -2.55 10.62 8.77
N PRO A 77 -3.40 10.63 7.75
CA PRO A 77 -3.35 9.60 6.70
C PRO A 77 -2.23 9.88 5.70
N ASP A 78 -2.07 8.95 4.75
CA ASP A 78 -1.02 9.05 3.74
C ASP A 78 -0.93 10.44 3.13
N GLU A 79 -2.07 11.00 2.76
CA GLU A 79 -2.08 12.28 2.08
C GLU A 79 -1.41 13.35 2.95
N GLN A 80 -1.72 13.37 4.24
CA GLN A 80 -1.09 14.33 5.14
C GLN A 80 0.37 14.00 5.38
N LEU A 81 0.70 12.70 5.47
CA LEU A 81 2.08 12.30 5.70
C LEU A 81 2.96 12.75 4.55
N ILE A 82 2.51 12.51 3.32
CA ILE A 82 3.20 12.98 2.13
C ILE A 82 3.45 14.48 2.24
N ASN A 83 2.40 15.24 2.57
CA ASN A 83 2.53 16.69 2.64
C ASN A 83 3.50 17.11 3.74
N SER A 84 3.55 16.35 4.84
CA SER A 84 4.45 16.70 5.93
C SER A 84 5.90 16.48 5.53
N LEU A 85 6.17 15.43 4.75
CA LEU A 85 7.53 15.23 4.26
C LEU A 85 7.91 16.33 3.28
N ILE A 86 6.99 16.72 2.40
CA ILE A 86 7.30 17.78 1.46
C ILE A 86 7.61 19.05 2.22
N SER A 87 6.81 19.37 3.23
CA SER A 87 7.00 20.60 4.01
C SER A 87 8.19 20.52 4.96
N GLY A 88 8.54 19.33 5.44
CA GLY A 88 9.56 19.17 6.46
C GLY A 88 9.07 19.02 7.88
N SER A 89 7.76 19.04 8.11
CA SER A 89 7.22 18.72 9.44
C SER A 89 7.46 17.27 9.82
N GLY A 90 7.62 16.37 8.84
CA GLY A 90 7.92 15.01 9.12
C GLY A 90 9.11 14.55 8.24
N GLU A 91 9.75 13.51 8.71
CA GLU A 91 10.99 13.09 8.07
C GLU A 91 10.87 11.82 7.23
N ILE A 92 10.21 10.79 7.77
CA ILE A 92 10.14 9.45 7.20
C ILE A 92 8.68 9.03 7.26
N THR A 93 8.27 8.29 6.25
CA THR A 93 6.97 7.62 6.30
C THR A 93 6.97 6.47 5.30
N PHE A 94 5.96 5.64 5.38
CA PHE A 94 5.60 4.76 4.27
C PHE A 94 4.17 5.08 3.90
N VAL A 95 3.85 5.05 2.59
CA VAL A 95 2.50 5.29 2.09
C VAL A 95 2.25 4.33 0.93
N SER A 96 0.98 4.06 0.69
CA SER A 96 0.63 3.32 -0.51
C SER A 96 0.96 4.14 -1.74
N THR A 97 1.17 3.45 -2.86
CA THR A 97 1.42 4.17 -4.11
C THR A 97 0.22 4.97 -4.58
N ALA A 98 -0.99 4.55 -4.24
CA ALA A 98 -2.19 5.19 -4.79
C ALA A 98 -2.28 6.69 -4.51
N PRO A 99 -2.10 7.16 -3.28
CA PRO A 99 -2.17 8.63 -3.06
C PRO A 99 -1.02 9.37 -3.71
N ILE A 100 0.06 8.69 -4.06
CA ILE A 100 1.10 9.39 -4.78
C ILE A 100 0.67 9.73 -6.20
N ALA A 101 -0.32 9.01 -6.74
CA ALA A 101 -0.78 9.30 -8.09
C ALA A 101 -1.33 10.70 -8.23
N SER A 102 -1.74 11.34 -7.11
CA SER A 102 -2.20 12.73 -7.09
C SER A 102 -1.10 13.75 -7.27
N LEU A 103 0.16 13.32 -7.16
CA LEU A 103 1.33 14.12 -7.48
C LEU A 103 2.00 13.66 -8.76
N ILE A 104 2.08 12.34 -8.96
CA ILE A 104 2.80 11.71 -10.06
C ILE A 104 1.88 10.63 -10.62
N PRO A 105 1.16 10.92 -11.69
CA PRO A 105 0.11 9.97 -12.14
C PRO A 105 0.62 8.58 -12.47
N GLU A 106 1.88 8.47 -12.89
CA GLU A 106 2.42 7.16 -13.26
C GLU A 106 2.35 6.17 -12.10
N PHE A 107 2.34 6.65 -10.86
CA PHE A 107 2.21 5.73 -9.73
C PHE A 107 0.86 5.03 -9.70
N GLY A 108 -0.11 5.55 -10.44
CA GLY A 108 -1.41 4.91 -10.54
C GLY A 108 -1.38 3.54 -11.18
N VAL A 109 -0.26 3.16 -11.81
CA VAL A 109 -0.15 1.87 -12.48
C VAL A 109 -0.51 0.73 -11.53
N PHE A 110 -0.16 0.87 -10.26
CA PHE A 110 -0.31 -0.25 -9.33
C PHE A 110 -1.72 -0.49 -8.87
N ASP A 111 -2.65 0.40 -9.24
CA ASP A 111 -4.05 0.23 -8.94
C ASP A 111 -4.78 -0.50 -10.06
N LEU A 112 -4.07 -0.88 -11.13
CA LEU A 112 -4.64 -1.77 -12.12
C LEU A 112 -4.69 -3.18 -11.58
N PRO A 113 -5.77 -3.90 -11.84
CA PRO A 113 -5.93 -5.24 -11.26
C PRO A 113 -5.04 -6.28 -11.95
N PHE A 114 -4.61 -7.26 -11.16
CA PHE A 114 -3.92 -8.45 -11.65
C PHE A 114 -2.62 -8.12 -12.38
N LEU A 115 -1.95 -7.06 -11.95
CA LEU A 115 -0.68 -6.70 -12.56
C LEU A 115 0.40 -7.73 -12.26
N PHE A 116 0.46 -8.23 -11.02
CA PHE A 116 1.54 -9.08 -10.55
C PHE A 116 0.98 -10.43 -10.13
N ASP A 117 1.52 -11.51 -10.70
CA ASP A 117 0.95 -12.81 -10.42
C ASP A 117 1.22 -13.23 -8.99
N ASN A 118 2.32 -12.76 -8.42
CA ASN A 118 2.70 -13.17 -7.08
C ASN A 118 3.73 -12.18 -6.55
N GLU A 119 4.16 -12.43 -5.31
CA GLU A 119 5.03 -11.49 -4.63
C GLU A 119 6.45 -11.53 -5.17
N LYS A 120 6.89 -12.66 -5.72
CA LYS A 120 8.21 -12.70 -6.34
C LYS A 120 8.26 -11.80 -7.56
N VAL A 121 7.26 -11.89 -8.43
CA VAL A 121 7.16 -10.97 -9.56
C VAL A 121 7.17 -9.53 -9.06
N ALA A 122 6.37 -9.24 -8.03
CA ALA A 122 6.30 -7.88 -7.53
C ALA A 122 7.67 -7.37 -7.13
N ASP A 123 8.37 -8.14 -6.30
CA ASP A 123 9.70 -7.74 -5.85
C ASP A 123 10.60 -7.48 -7.06
N THR A 124 10.58 -8.40 -8.01
CA THR A 124 11.47 -8.26 -9.17
C THR A 124 11.18 -6.96 -9.92
N VAL A 125 9.91 -6.70 -10.20
CA VAL A 125 9.59 -5.51 -10.97
C VAL A 125 9.90 -4.25 -10.18
N LEU A 126 9.52 -4.22 -8.89
CA LEU A 126 9.69 -3.01 -8.09
C LEU A 126 11.16 -2.69 -7.85
N ASP A 127 11.97 -3.72 -7.64
CA ASP A 127 13.38 -3.51 -7.38
C ASP A 127 14.19 -3.35 -8.64
N GLY A 128 13.57 -3.53 -9.79
CA GLY A 128 14.23 -3.40 -11.06
C GLY A 128 13.97 -2.05 -11.68
N PRO A 129 14.39 -1.91 -12.93
CA PRO A 129 14.29 -0.59 -13.60
C PRO A 129 12.89 0.02 -13.64
N GLU A 130 11.83 -0.77 -13.78
CA GLU A 130 10.52 -0.14 -13.87
C GLU A 130 10.13 0.50 -12.55
N GLY A 131 10.45 -0.18 -11.44
CA GLY A 131 10.26 0.43 -10.13
C GLY A 131 11.10 1.68 -9.92
N LYS A 132 12.36 1.63 -10.36
CA LYS A 132 13.27 2.74 -10.17
C LYS A 132 12.87 3.96 -10.98
N LYS A 133 12.33 3.76 -12.18
CA LYS A 133 11.86 4.90 -12.97
C LYS A 133 10.84 5.70 -12.17
N LEU A 134 9.91 5.02 -11.50
CA LEU A 134 8.91 5.71 -10.71
C LEU A 134 9.55 6.40 -9.49
N LEU A 135 10.38 5.68 -8.74
CA LEU A 135 11.04 6.31 -7.60
C LEU A 135 11.81 7.56 -8.02
N ASP A 136 12.36 7.56 -9.25
CA ASP A 136 13.16 8.68 -9.70
C ASP A 136 12.33 9.94 -9.95
N LYS A 137 10.99 9.82 -10.01
CA LYS A 137 10.12 10.98 -10.17
C LYS A 137 9.82 11.68 -8.85
N LEU A 138 10.22 11.10 -7.71
CA LEU A 138 9.83 11.65 -6.41
C LEU A 138 10.59 12.92 -6.05
N PRO A 139 11.90 13.01 -6.33
CA PRO A 139 12.65 14.21 -5.89
C PRO A 139 12.13 15.52 -6.43
N ALA A 140 11.63 15.56 -7.66
CA ALA A 140 11.02 16.77 -8.21
C ALA A 140 9.82 17.24 -7.38
N LYS A 141 9.22 16.35 -6.60
CA LYS A 141 8.11 16.72 -5.74
C LYS A 141 8.54 16.85 -4.29
N GLY A 142 9.83 16.77 -4.01
CA GLY A 142 10.32 16.98 -2.66
C GLY A 142 10.39 15.74 -1.81
N LEU A 143 10.44 14.58 -2.42
CA LEU A 143 10.43 13.31 -1.73
C LEU A 143 11.55 12.43 -2.25
N ILE A 144 12.06 11.56 -1.40
CA ILE A 144 13.04 10.55 -1.77
C ILE A 144 12.39 9.19 -1.59
N GLY A 145 12.31 8.42 -2.66
CA GLY A 145 11.85 7.06 -2.51
C GLY A 145 12.99 6.13 -2.11
N LEU A 146 13.12 5.84 -0.81
CA LEU A 146 14.23 5.02 -0.35
C LEU A 146 14.20 3.63 -0.97
N ASN A 147 13.03 3.00 -0.96
CA ASN A 147 12.78 1.73 -1.67
C ASN A 147 11.30 1.39 -1.50
N TYR A 148 10.90 0.26 -2.05
CA TYR A 148 9.52 -0.20 -1.96
C TYR A 148 9.39 -1.22 -0.86
N TRP A 149 8.32 -1.11 -0.10
CA TRP A 149 7.90 -2.08 0.91
C TRP A 149 6.61 -2.71 0.40
N GLU A 150 6.13 -3.73 1.10
CA GLU A 150 4.98 -4.48 0.63
C GLU A 150 3.74 -4.12 1.44
N ASN A 151 2.75 -3.55 0.76
CA ASN A 151 1.41 -3.48 1.36
C ASN A 151 0.76 -4.83 1.08
N GLY A 152 0.48 -5.12 -0.18
CA GLY A 152 0.28 -6.50 -0.61
C GLY A 152 -0.95 -6.69 -1.45
N PHE A 153 -1.37 -7.94 -1.57
CA PHE A 153 -2.55 -8.27 -2.37
C PHE A 153 -3.81 -7.93 -1.58
N ARG A 154 -4.73 -7.25 -2.24
CA ARG A 154 -5.92 -6.71 -1.59
C ARG A 154 -7.11 -7.65 -1.76
N ASN A 155 -7.97 -7.67 -0.73
CA ASN A 155 -9.13 -8.54 -0.66
C ASN A 155 -10.34 -7.74 -0.20
N ILE A 156 -11.48 -8.10 -0.76
CA ILE A 156 -12.73 -7.38 -0.55
C ILE A 156 -13.40 -7.85 0.74
N THR A 157 -13.80 -6.89 1.57
CA THR A 157 -14.67 -7.18 2.69
C THR A 157 -15.92 -6.30 2.58
N ASN A 158 -17.01 -6.79 3.17
CA ASN A 158 -18.21 -5.96 3.19
C ASN A 158 -19.17 -6.51 4.25
N SER A 159 -20.24 -5.74 4.46
CA SER A 159 -21.23 -6.04 5.47
C SER A 159 -22.61 -6.26 4.87
N ARG A 160 -22.75 -6.18 3.55
CA ARG A 160 -24.07 -6.32 2.94
C ARG A 160 -24.40 -7.77 2.62
N HIS A 161 -23.52 -8.44 1.90
CA HIS A 161 -23.76 -9.83 1.53
C HIS A 161 -22.45 -10.43 1.05
N GLU A 162 -22.43 -11.76 0.96
CA GLU A 162 -21.28 -12.47 0.42
C GLU A 162 -21.01 -12.06 -1.03
N ILE A 163 -19.73 -11.88 -1.36
CA ILE A 163 -19.30 -11.58 -2.72
C ILE A 163 -18.51 -12.76 -3.22
N SER A 164 -19.15 -13.60 -4.02
CA SER A 164 -18.45 -14.71 -4.67
C SER A 164 -18.61 -14.68 -6.18
N LYS A 165 -19.35 -13.70 -6.72
CA LYS A 165 -19.49 -13.53 -8.15
C LYS A 165 -19.31 -12.07 -8.52
N LEU A 166 -18.84 -11.84 -9.75
CA LEU A 166 -18.73 -10.47 -10.25
C LEU A 166 -20.01 -9.69 -10.01
N ASP A 167 -21.15 -10.32 -10.25
CA ASP A 167 -22.43 -9.61 -10.15
C ASP A 167 -22.71 -9.14 -8.73
N ASP A 168 -22.14 -9.80 -7.72
CA ASP A 168 -22.40 -9.44 -6.35
C ASP A 168 -21.82 -8.07 -6.00
N ILE A 169 -20.94 -7.54 -6.85
CA ILE A 169 -20.34 -6.24 -6.60
C ILE A 169 -21.27 -5.10 -7.00
N GLY A 170 -22.24 -5.37 -7.88
CA GLY A 170 -23.11 -4.32 -8.36
C GLY A 170 -23.83 -3.54 -7.29
N GLY A 171 -23.65 -2.23 -7.30
CA GLY A 171 -24.28 -1.36 -6.35
C GLY A 171 -23.69 -1.35 -4.94
N ILE A 172 -22.69 -2.19 -4.65
CA ILE A 172 -22.04 -2.13 -3.34
C ILE A 172 -21.33 -0.78 -3.22
N LYS A 173 -21.47 -0.14 -2.04
CA LYS A 173 -20.75 1.09 -1.73
C LYS A 173 -19.41 0.66 -1.16
N LEU A 174 -18.39 0.74 -1.99
CA LEU A 174 -17.08 0.26 -1.61
C LEU A 174 -16.12 1.43 -1.48
N ARG A 175 -15.55 1.58 -0.29
CA ARG A 175 -14.47 2.54 -0.13
C ARG A 175 -13.31 2.11 -1.02
N VAL A 176 -12.68 3.08 -1.69
CA VAL A 176 -11.47 2.87 -2.47
C VAL A 176 -10.43 3.88 -2.02
N MET A 177 -9.18 3.61 -2.36
CA MET A 177 -8.12 4.61 -2.20
C MET A 177 -8.34 5.77 -3.16
N GLN A 178 -7.64 6.87 -2.90
CA GLN A 178 -8.06 8.16 -3.41
C GLN A 178 -7.26 8.55 -4.65
N ASN A 179 -7.57 7.86 -5.76
CA ASN A 179 -7.14 8.31 -7.08
C ASN A 179 -8.12 7.81 -8.13
N GLN A 180 -7.96 8.37 -9.33
CA GLN A 180 -8.89 8.13 -10.41
C GLN A 180 -8.82 6.68 -10.90
N VAL A 181 -7.67 6.03 -10.77
CA VAL A 181 -7.57 4.66 -11.23
C VAL A 181 -8.40 3.75 -10.33
N ALA A 182 -8.22 3.85 -9.02
CA ALA A 182 -8.99 3.01 -8.11
C ALA A 182 -10.48 3.29 -8.23
N LEU A 183 -10.85 4.54 -8.35
CA LEU A 183 -12.28 4.86 -8.48
C LEU A 183 -12.83 4.25 -9.76
N SER A 184 -12.08 4.40 -10.87
CA SER A 184 -12.54 3.93 -12.17
C SER A 184 -12.58 2.41 -12.24
N VAL A 185 -11.61 1.73 -11.62
CA VAL A 185 -11.63 0.26 -11.63
C VAL A 185 -12.88 -0.24 -10.93
N PHE A 186 -13.15 0.22 -9.71
CA PHE A 186 -14.27 -0.36 -9.01
C PHE A 186 -15.61 0.12 -9.55
N LYS A 187 -15.70 1.37 -10.03
CA LYS A 187 -16.89 1.76 -10.76
C LYS A 187 -17.11 0.86 -11.96
N GLY A 188 -16.02 0.52 -12.65
CA GLY A 188 -16.15 -0.35 -13.82
C GLY A 188 -16.57 -1.75 -13.46
N LEU A 189 -16.38 -2.16 -12.22
CA LEU A 189 -16.84 -3.45 -11.75
C LEU A 189 -18.23 -3.39 -11.14
N GLY A 190 -18.90 -2.25 -11.24
CA GLY A 190 -20.25 -2.11 -10.77
C GLY A 190 -20.40 -1.50 -9.40
N ALA A 191 -19.31 -1.25 -8.67
CA ALA A 191 -19.49 -0.67 -7.36
C ALA A 191 -19.78 0.83 -7.42
N ASN A 192 -20.37 1.33 -6.35
CA ASN A 192 -20.34 2.76 -6.03
C ASN A 192 -19.03 2.99 -5.28
N ALA A 193 -18.03 3.50 -5.99
CA ALA A 193 -16.70 3.63 -5.45
C ALA A 193 -16.59 4.96 -4.68
N ILE A 194 -16.20 4.86 -3.43
CA ILE A 194 -16.19 5.98 -2.50
C ILE A 194 -14.75 6.20 -2.03
N PRO A 195 -14.03 7.13 -2.62
CA PRO A 195 -12.68 7.40 -2.12
C PRO A 195 -12.74 7.92 -0.70
N MET A 196 -11.89 7.38 0.17
CA MET A 196 -11.77 7.89 1.52
C MET A 196 -10.35 7.67 2.04
N PRO A 197 -9.86 8.57 2.88
CA PRO A 197 -8.59 8.30 3.58
C PRO A 197 -8.71 7.07 4.48
N PHE A 198 -7.60 6.33 4.60
CA PHE A 198 -7.62 5.11 5.40
C PHE A 198 -8.00 5.38 6.85
N THR A 199 -7.65 6.55 7.36
CA THR A 199 -7.85 6.86 8.77
C THR A 199 -9.32 7.05 9.12
N GLU A 200 -10.19 7.23 8.13
CA GLU A 200 -11.63 7.34 8.35
C GLU A 200 -12.36 6.04 8.11
N LEU A 201 -11.64 4.98 7.75
CA LEU A 201 -12.29 3.81 7.19
C LEU A 201 -13.02 2.98 8.23
N PHE A 202 -12.39 2.72 9.38
CA PHE A 202 -13.03 1.83 10.34
C PHE A 202 -14.43 2.36 10.69
N THR A 203 -14.52 3.65 10.97
CA THR A 203 -15.80 4.23 11.36
C THR A 203 -16.80 4.19 10.23
N ALA A 204 -16.34 4.40 8.99
CA ALA A 204 -17.25 4.31 7.87
C ALA A 204 -17.80 2.91 7.73
N LEU A 205 -16.97 1.90 8.01
CA LEU A 205 -17.46 0.52 7.98
C LEU A 205 -18.45 0.28 9.12
N GLU A 206 -18.09 0.73 10.33
CA GLU A 206 -18.88 0.45 11.53
C GLU A 206 -20.26 1.06 11.42
N THR A 207 -20.36 2.30 10.93
CA THR A 207 -21.63 3.00 10.79
C THR A 207 -22.36 2.62 9.52
N LYS A 208 -21.77 1.75 8.70
CA LYS A 208 -22.27 1.37 7.37
C LYS A 208 -22.50 2.56 6.47
N THR A 209 -21.71 3.63 6.62
CA THR A 209 -21.72 4.67 5.61
C THR A 209 -21.19 4.14 4.30
N VAL A 210 -20.31 3.15 4.35
CA VAL A 210 -19.98 2.34 3.18
C VAL A 210 -20.25 0.89 3.53
N ASP A 211 -20.52 0.08 2.51
CA ASP A 211 -20.72 -1.35 2.74
C ASP A 211 -19.41 -2.11 2.97
N GLY A 212 -18.32 -1.69 2.33
CA GLY A 212 -17.13 -2.48 2.42
C GLY A 212 -15.91 -1.71 1.99
N GLN A 213 -14.81 -2.45 1.87
CA GLN A 213 -13.52 -1.89 1.52
C GLN A 213 -12.69 -3.02 0.94
N GLU A 214 -11.44 -2.74 0.67
CA GLU A 214 -10.56 -3.80 0.21
C GLU A 214 -9.13 -3.48 0.62
N ASN A 215 -8.45 -4.48 1.16
CA ASN A 215 -7.12 -4.30 1.73
C ASN A 215 -6.46 -5.66 1.95
N PRO A 216 -5.17 -5.73 2.21
CA PRO A 216 -4.58 -7.03 2.55
C PRO A 216 -5.09 -7.57 3.88
N LEU A 217 -5.01 -8.90 3.99
CA LEU A 217 -5.57 -9.60 5.14
C LEU A 217 -4.98 -9.13 6.46
N SER A 218 -3.68 -8.83 6.51
CA SER A 218 -3.10 -8.43 7.78
C SER A 218 -3.61 -7.06 8.22
N THR A 219 -3.99 -6.22 7.26
CA THR A 219 -4.62 -4.94 7.59
C THR A 219 -6.05 -5.13 8.05
N ILE A 220 -6.80 -5.98 7.35
CA ILE A 220 -8.14 -6.34 7.80
C ILE A 220 -8.10 -6.82 9.24
N GLN A 221 -7.11 -7.63 9.58
CA GLN A 221 -6.94 -8.14 10.94
C GLN A 221 -6.52 -7.04 11.90
N THR A 222 -5.39 -6.39 11.64
CA THR A 222 -4.83 -5.53 12.69
C THR A 222 -5.58 -4.22 12.84
N SER A 223 -6.30 -3.76 11.81
CA SER A 223 -7.19 -2.62 11.95
C SER A 223 -8.58 -3.03 12.39
N LYS A 224 -8.80 -4.32 12.62
CA LYS A 224 -10.02 -4.87 13.21
C LYS A 224 -11.23 -4.72 12.29
N PHE A 225 -11.01 -4.64 10.98
CA PHE A 225 -12.15 -4.46 10.10
C PHE A 225 -13.08 -5.67 10.18
N TYR A 226 -12.55 -6.85 10.50
CA TYR A 226 -13.43 -8.01 10.57
C TYR A 226 -14.51 -7.84 11.63
N GLU A 227 -14.30 -6.99 12.63
CA GLU A 227 -15.32 -6.79 13.65
C GLU A 227 -16.56 -6.14 13.08
N VAL A 228 -16.43 -5.46 11.95
CA VAL A 228 -17.56 -4.77 11.36
C VAL A 228 -17.75 -5.16 9.90
N GLN A 229 -17.18 -6.29 9.52
CA GLN A 229 -17.25 -6.80 8.15
C GLN A 229 -17.42 -8.31 8.24
N PRO A 230 -18.67 -8.79 8.20
CA PRO A 230 -18.89 -10.25 8.30
C PRO A 230 -18.44 -11.05 7.08
N TYR A 231 -18.23 -10.42 5.92
CA TYR A 231 -17.90 -11.13 4.69
C TYR A 231 -16.51 -10.74 4.21
N LEU A 232 -15.76 -11.73 3.75
CA LEU A 232 -14.42 -11.57 3.20
C LEU A 232 -14.34 -12.40 1.92
N THR A 233 -13.84 -11.80 0.85
CA THR A 233 -13.59 -12.48 -0.41
C THR A 233 -12.10 -12.46 -0.69
N LEU A 234 -11.52 -13.64 -0.91
CA LEU A 234 -10.11 -13.78 -1.22
C LEU A 234 -9.92 -13.53 -2.72
N SER A 235 -10.09 -12.26 -3.10
CA SER A 235 -10.01 -11.83 -4.49
C SER A 235 -8.60 -11.52 -4.97
N ASN A 236 -7.73 -11.05 -4.08
CA ASN A 236 -6.35 -10.72 -4.43
C ASN A 236 -6.29 -9.96 -5.75
N HIS A 237 -7.12 -8.92 -5.86
CA HIS A 237 -7.41 -8.33 -7.16
C HIS A 237 -6.39 -7.30 -7.58
N VAL A 238 -5.67 -6.71 -6.61
CA VAL A 238 -4.71 -5.65 -6.83
C VAL A 238 -3.56 -5.88 -5.86
N TYR A 239 -2.35 -5.58 -6.30
CA TYR A 239 -1.18 -5.58 -5.45
C TYR A 239 -0.76 -4.14 -5.20
N THR A 240 -0.65 -3.77 -3.93
CA THR A 240 -0.22 -2.42 -3.61
C THR A 240 1.19 -2.41 -3.06
N PRO A 241 2.12 -1.68 -3.68
CA PRO A 241 3.38 -1.36 -3.01
C PRO A 241 3.18 -0.25 -2.01
N PHE A 242 3.96 -0.30 -0.94
CA PHE A 242 4.31 0.90 -0.20
C PHE A 242 5.58 1.52 -0.79
N VAL A 243 5.66 2.84 -0.76
CA VAL A 243 6.94 3.52 -0.92
C VAL A 243 7.41 3.94 0.46
N PHE A 244 8.64 3.58 0.78
CA PHE A 244 9.31 4.05 1.98
C PHE A 244 9.98 5.37 1.61
N LEU A 245 9.56 6.44 2.27
CA LEU A 245 9.81 7.79 1.83
C LEU A 245 10.62 8.57 2.86
N ALA A 246 11.50 9.44 2.35
CA ALA A 246 12.13 10.45 3.17
C ALA A 246 11.84 11.84 2.59
N SER A 247 11.77 12.81 3.49
CA SER A 247 11.62 14.20 3.08
C SER A 247 12.92 14.63 2.43
N LYS A 248 12.84 15.13 1.21
CA LYS A 248 14.08 15.50 0.52
C LYS A 248 14.75 16.68 1.19
N LYS A 249 13.96 17.68 1.61
CA LYS A 249 14.52 18.84 2.28
C LYS A 249 15.32 18.42 3.51
N TRP A 250 14.75 17.51 4.30
CA TRP A 250 15.44 16.94 5.44
C TRP A 250 16.62 16.07 5.01
N PHE A 251 16.40 15.18 4.05
CA PHE A 251 17.48 14.26 3.72
C PHE A 251 18.69 15.02 3.19
N ASP A 252 18.44 16.09 2.44
CA ASP A 252 19.53 16.80 1.79
C ASP A 252 20.44 17.49 2.79
N GLN A 253 19.92 17.87 3.95
CA GLN A 253 20.71 18.52 4.99
C GLN A 253 21.41 17.52 5.91
N LEU A 254 21.24 16.23 5.69
CA LEU A 254 22.02 15.25 6.43
C LEU A 254 23.45 15.17 5.87
N SER A 255 24.39 14.81 6.74
CA SER A 255 25.72 14.50 6.27
C SER A 255 25.70 13.20 5.48
N GLN A 256 26.75 12.95 4.70
CA GLN A 256 26.74 11.70 3.94
C GLN A 256 26.75 10.51 4.89
N ASP A 257 27.44 10.63 6.03
CA ASP A 257 27.41 9.53 6.99
C ASP A 257 25.99 9.28 7.50
N GLU A 258 25.23 10.36 7.72
CA GLU A 258 23.86 10.19 8.23
C GLU A 258 22.95 9.65 7.15
N LYS A 259 23.12 10.12 5.91
CA LYS A 259 22.36 9.54 4.81
C LYS A 259 22.60 8.05 4.71
N ASP A 260 23.86 7.64 4.88
CA ASP A 260 24.20 6.24 4.75
C ASP A 260 23.50 5.41 5.84
N VAL A 261 23.40 5.95 7.05
CA VAL A 261 22.62 5.28 8.09
C VAL A 261 21.20 5.04 7.59
N ILE A 262 20.59 6.06 7.00
CA ILE A 262 19.20 5.96 6.55
C ILE A 262 19.08 4.93 5.42
N THR A 263 19.97 4.97 4.43
CA THR A 263 19.80 4.07 3.29
C THR A 263 20.16 2.64 3.67
N GLN A 264 21.19 2.46 4.51
CA GLN A 264 21.50 1.13 5.00
C GLN A 264 20.36 0.56 5.83
N ALA A 265 19.79 1.37 6.72
CA ALA A 265 18.67 0.91 7.53
C ALA A 265 17.45 0.61 6.65
N ALA A 266 17.26 1.41 5.60
CA ALA A 266 16.13 1.18 4.71
C ALA A 266 16.27 -0.13 3.98
N ALA A 267 17.48 -0.49 3.57
CA ALA A 267 17.67 -1.76 2.88
C ALA A 267 17.43 -2.94 3.80
N ASP A 268 18.01 -2.89 5.01
CA ASP A 268 17.74 -3.89 6.02
C ASP A 268 16.25 -3.99 6.30
N SER A 269 15.59 -2.85 6.49
CA SER A 269 14.19 -2.88 6.90
C SER A 269 13.26 -3.36 5.78
N GLN A 270 13.60 -3.11 4.52
CA GLN A 270 12.80 -3.63 3.42
C GLN A 270 12.75 -5.16 3.48
N ALA A 271 13.91 -5.79 3.68
CA ALA A 271 13.93 -7.25 3.72
C ALA A 271 13.13 -7.75 4.90
N PHE A 272 13.29 -7.10 6.06
CA PHE A 272 12.52 -7.44 7.25
C PHE A 272 11.04 -7.27 6.99
N GLN A 273 10.67 -6.16 6.32
CA GLN A 273 9.27 -5.84 6.09
C GLN A 273 8.62 -6.89 5.26
N ARG A 274 9.27 -7.25 4.15
CA ARG A 274 8.63 -8.15 3.20
C ARG A 274 8.41 -9.52 3.85
N LYS A 275 9.42 -10.01 4.59
CA LYS A 275 9.25 -11.27 5.31
C LYS A 275 8.13 -11.16 6.34
N ALA A 276 8.10 -10.07 7.10
CA ALA A 276 7.06 -9.90 8.11
C ALA A 276 5.69 -9.82 7.45
N SER A 277 5.60 -9.13 6.31
CA SER A 277 4.33 -9.00 5.61
C SER A 277 3.81 -10.34 5.15
N ARG A 278 4.68 -11.19 4.60
CA ARG A 278 4.24 -12.46 4.03
C ARG A 278 3.88 -13.44 5.14
N GLN A 279 4.64 -13.45 6.22
CA GLN A 279 4.22 -14.24 7.39
C GLN A 279 2.92 -13.69 7.95
N GLY A 280 2.81 -12.37 8.02
CA GLY A 280 1.58 -11.76 8.50
C GLY A 280 0.37 -12.12 7.67
N ASN A 281 0.56 -12.25 6.35
CA ASN A 281 -0.56 -12.67 5.49
C ASN A 281 -1.03 -14.07 5.85
N GLU A 282 -0.08 -14.98 6.02
CA GLU A 282 -0.41 -16.35 6.44
C GLU A 282 -1.10 -16.34 7.80
N ASP A 283 -0.55 -15.61 8.77
CA ASP A 283 -1.14 -15.56 10.11
C ASP A 283 -2.55 -14.98 10.07
N ALA A 284 -2.76 -13.94 9.26
CA ALA A 284 -4.07 -13.29 9.19
C ALA A 284 -5.13 -14.21 8.64
N LEU A 285 -4.81 -14.95 7.57
CA LEU A 285 -5.77 -15.88 7.02
C LEU A 285 -6.16 -16.91 8.06
N LYS A 286 -5.18 -17.48 8.75
CA LYS A 286 -5.47 -18.45 9.81
C LYS A 286 -6.38 -17.82 10.86
N TYR A 287 -6.04 -16.60 11.31
CA TYR A 287 -6.80 -15.95 12.37
C TYR A 287 -8.23 -15.69 11.94
N LEU A 288 -8.40 -15.06 10.77
CA LEU A 288 -9.74 -14.75 10.31
C LEU A 288 -10.57 -16.01 10.12
N LYS A 289 -9.98 -17.06 9.58
CA LYS A 289 -10.74 -18.29 9.42
C LYS A 289 -11.11 -18.88 10.78
N GLU A 290 -10.17 -18.89 11.72
CA GLU A 290 -10.44 -19.48 13.02
C GLU A 290 -11.43 -18.66 13.83
N HIS A 291 -11.57 -17.36 13.51
CA HIS A 291 -12.54 -16.46 14.13
C HIS A 291 -13.91 -16.58 13.54
N ASN A 292 -14.04 -17.42 12.50
CA ASN A 292 -15.30 -17.69 11.80
C ASN A 292 -15.79 -16.52 10.98
N VAL A 293 -14.86 -15.70 10.48
CA VAL A 293 -15.20 -14.80 9.38
C VAL A 293 -15.66 -15.67 8.23
N LYS A 294 -16.70 -15.23 7.51
CA LYS A 294 -17.20 -16.00 6.38
C LYS A 294 -16.38 -15.65 5.14
N VAL A 295 -15.71 -16.65 4.60
CA VAL A 295 -14.70 -16.46 3.56
C VAL A 295 -15.21 -17.06 2.27
N ALA A 296 -15.16 -16.28 1.21
CA ALA A 296 -15.52 -16.72 -0.12
C ALA A 296 -14.38 -16.42 -1.09
N GLU A 297 -14.52 -16.96 -2.29
CA GLU A 297 -13.57 -16.78 -3.37
C GLU A 297 -14.35 -16.65 -4.66
N PHE A 298 -13.67 -16.19 -5.69
CA PHE A 298 -14.21 -16.18 -7.04
C PHE A 298 -13.85 -17.49 -7.71
N SER A 299 -14.85 -18.24 -8.12
CA SER A 299 -14.61 -19.48 -8.86
C SER A 299 -13.81 -19.22 -10.12
N THR A 300 -13.37 -20.29 -10.78
CA THR A 300 -12.62 -20.11 -12.00
C THR A 300 -13.46 -19.35 -13.03
N GLU A 301 -14.73 -19.72 -13.17
CA GLU A 301 -15.60 -19.04 -14.12
C GLU A 301 -15.76 -17.55 -13.77
N GLU A 302 -16.01 -17.25 -12.50
CA GLU A 302 -16.19 -15.85 -12.12
C GLU A 302 -14.92 -15.06 -12.34
N ARG A 303 -13.76 -15.70 -12.08
CA ARG A 303 -12.49 -15.04 -12.37
C ARG A 303 -12.39 -14.62 -13.83
N GLU A 304 -12.81 -15.49 -14.75
CA GLU A 304 -12.73 -15.10 -16.15
C GLU A 304 -13.71 -13.98 -16.45
N LYS A 305 -14.91 -13.99 -15.85
CA LYS A 305 -15.81 -12.85 -16.04
C LYS A 305 -15.13 -11.56 -15.58
N ILE A 306 -14.47 -11.58 -14.43
CA ILE A 306 -13.81 -10.37 -13.95
C ILE A 306 -12.70 -9.95 -14.92
N ARG A 307 -11.88 -10.91 -15.36
CA ARG A 307 -10.82 -10.57 -16.32
C ARG A 307 -11.40 -9.86 -17.54
N GLU A 308 -12.49 -10.39 -18.10
CA GLU A 308 -13.08 -9.78 -19.28
C GLU A 308 -13.57 -8.37 -19.00
N LYS A 309 -14.16 -8.15 -17.83
CA LYS A 309 -14.71 -6.83 -17.55
C LYS A 309 -13.60 -5.83 -17.28
N VAL A 310 -12.48 -6.28 -16.73
CA VAL A 310 -11.40 -5.37 -16.37
C VAL A 310 -10.63 -4.91 -17.60
N ALA A 311 -10.42 -5.82 -18.55
CA ALA A 311 -9.51 -5.53 -19.66
C ALA A 311 -9.82 -4.21 -20.36
N PRO A 312 -11.07 -3.87 -20.67
CA PRO A 312 -11.33 -2.58 -21.33
C PRO A 312 -11.20 -1.38 -20.41
N ILE A 313 -11.32 -1.54 -19.10
CA ILE A 313 -11.14 -0.36 -18.26
C ILE A 313 -9.65 -0.15 -18.00
N VAL A 314 -8.89 -1.23 -17.92
CA VAL A 314 -7.42 -1.09 -17.91
C VAL A 314 -6.96 -0.35 -19.14
N GLU A 315 -7.37 -0.82 -20.32
CA GLU A 315 -6.99 -0.10 -21.55
C GLU A 315 -7.43 1.35 -21.47
N SER A 316 -8.62 1.60 -20.92
CA SER A 316 -9.17 2.94 -20.85
C SER A 316 -8.33 3.86 -19.97
N LEU A 317 -7.62 3.32 -18.98
CA LEU A 317 -6.92 4.11 -17.98
C LEU A 317 -5.45 4.35 -18.31
N LYS A 318 -4.93 3.73 -19.36
CA LYS A 318 -3.52 3.95 -19.70
C LYS A 318 -3.23 5.44 -19.94
N ALA A 319 -4.17 6.16 -20.53
CA ALA A 319 -3.92 7.56 -20.83
C ALA A 319 -3.79 8.39 -19.56
N LYS A 320 -4.47 8.00 -18.49
CA LYS A 320 -4.41 8.70 -17.22
C LYS A 320 -3.31 8.19 -16.31
N ILE A 321 -2.58 7.15 -16.69
CA ILE A 321 -1.43 6.71 -15.93
C ILE A 321 -0.15 7.09 -16.62
N GLY A 322 -0.06 6.75 -17.91
CA GLY A 322 1.12 6.94 -18.71
C GLY A 322 1.33 5.66 -19.48
N LYS A 323 1.13 5.69 -20.80
CA LYS A 323 1.23 4.50 -21.62
C LYS A 323 2.55 3.75 -21.41
N GLU A 324 3.67 4.45 -21.44
CA GLU A 324 4.95 3.76 -21.33
C GLU A 324 5.15 3.15 -19.95
N THR A 325 4.62 3.76 -18.89
CA THR A 325 4.69 3.14 -17.57
C THR A 325 3.90 1.85 -17.54
N VAL A 326 2.64 1.89 -17.97
CA VAL A 326 1.81 0.70 -17.91
C VAL A 326 2.46 -0.44 -18.70
N GLU A 327 2.88 -0.13 -19.92
CA GLU A 327 3.40 -1.18 -20.82
C GLU A 327 4.75 -1.69 -20.32
N GLY A 328 5.57 -0.80 -19.76
CA GLY A 328 6.84 -1.23 -19.22
C GLY A 328 6.68 -2.10 -17.99
N VAL A 329 5.72 -1.77 -17.13
CA VAL A 329 5.51 -2.60 -15.95
C VAL A 329 4.96 -3.94 -16.36
N LEU A 330 4.02 -3.95 -17.31
CA LEU A 330 3.45 -5.20 -17.79
C LEU A 330 4.51 -6.07 -18.42
N ASP A 331 5.38 -5.47 -19.24
CA ASP A 331 6.45 -6.25 -19.87
C ASP A 331 7.41 -6.79 -18.83
N ALA A 332 7.78 -5.98 -17.84
CA ALA A 332 8.69 -6.45 -16.81
C ALA A 332 8.07 -7.57 -16.01
N ALA A 333 6.77 -7.47 -15.72
CA ALA A 333 6.09 -8.54 -14.99
C ALA A 333 6.10 -9.83 -15.80
N LYS A 334 5.84 -9.74 -17.10
CA LYS A 334 5.87 -10.92 -17.95
C LYS A 334 7.25 -11.57 -17.90
N LYS A 335 8.32 -10.77 -17.86
CA LYS A 335 9.67 -11.33 -17.92
C LYS A 335 10.02 -11.97 -16.62
N ALA A 336 9.49 -11.41 -15.54
CA ALA A 336 9.68 -11.98 -14.23
C ALA A 336 8.82 -13.21 -14.00
N SER A 337 7.71 -13.34 -14.71
CA SER A 337 6.74 -14.43 -14.48
C SER A 337 7.00 -15.60 -15.44
C02 TK8 B . -2.49 3.68 4.65
C02 TK8 B . -1.84 2.91 4.66
C03 TK8 B . -2.90 3.08 3.51
C03 TK8 B . -2.69 2.94 3.64
C04 TK8 B . -3.24 1.56 3.47
C04 TK8 B . -3.33 1.54 3.38
C05 TK8 B . -3.93 1.34 2.10
C05 TK8 B . -3.93 1.42 1.97
C06 TK8 B . -5.31 1.97 2.01
C06 TK8 B . -5.32 2.02 2.01
O01 TK8 B . -2.13 4.42 5.49
O01 TK8 B . -1.08 2.86 5.56
O07 TK8 B . -5.46 3.21 1.98
O07 TK8 B . -5.48 3.25 2.00
O08 TK8 B . -6.33 1.22 1.94
O08 TK8 B . -6.33 1.26 2.01
O09 TK8 B . -3.99 0.13 1.81
O09 TK8 B . -3.99 0.26 1.67
O10 TK8 B . -2.23 0.87 3.57
O10 TK8 B . -2.47 0.71 3.55
O11 TK8 B . -1.85 3.23 2.85
O11 TK8 B . -1.84 3.10 2.81
H031 TK8 B . -3.47 3.67 2.98
H031 TK8 B . -3.23 3.74 3.48
H041 TK8 B . -3.86 1.35 4.18
H041 TK8 B . -4.10 1.47 3.94
H051 TK8 B . -3.39 1.85 1.48
H051 TK8 B . -3.40 1.95 1.36
#